data_5OO7
#
_entry.id   5OO7
#
_cell.length_a   47.513
_cell.length_b   106.280
_cell.length_c   51.291
_cell.angle_alpha   90.00
_cell.angle_beta   98.15
_cell.angle_gamma   90.00
#
_symmetry.space_group_name_H-M   'P 1 21 1'
#
loop_
_entity.id
_entity.type
_entity.pdbx_description
1 polymer SLA2
2 non-polymer GLYCEROL
3 water water
#
_entity_poly.entity_id   1
_entity_poly.type   'polypeptide(L)'
_entity_poly.pdbx_seq_one_letter_code
;SLDHAKAEAELAINIKKATSPEETAPKRKHVRSCIVYTWDHKSSLSFWAGLKVQPILADEVQTFKALITIHKVLQEGHPV
TLREAMANRGWIDSLSRGMMGEGVRGYGPLIREYVHFLLAKLSFHKQHPEFNGTFEYEEYISLKAIHDPNEGYETITDLM
TLQDKIDQFQKLIFSHFRHIGNNECRISALVPLVAESYGIYKFITSMLRAMHSSTGDNEALEPLRQRYDAQHYRLVKFYY
ECSNLRYLTSLITIPKL
;
_entity_poly.pdbx_strand_id   A,B
#
# COMPACT_ATOMS: atom_id res chain seq x y z
N SER A 1 -11.29 4.11 -26.83
CA SER A 1 -12.71 4.01 -26.35
C SER A 1 -13.51 2.88 -27.03
N LEU A 2 -13.21 2.59 -28.30
CA LEU A 2 -13.80 1.46 -29.04
C LEU A 2 -15.31 1.62 -29.35
N ASP A 3 -15.86 0.66 -30.10
CA ASP A 3 -17.28 0.62 -30.47
C ASP A 3 -18.09 0.38 -29.20
N HIS A 4 -19.29 0.97 -29.10
CA HIS A 4 -20.11 0.84 -27.88
C HIS A 4 -20.42 -0.62 -27.52
N ALA A 5 -20.95 -1.36 -28.49
CA ALA A 5 -21.30 -2.77 -28.30
C ALA A 5 -20.05 -3.62 -27.96
N LYS A 6 -18.97 -3.39 -28.71
CA LYS A 6 -17.70 -4.08 -28.47
C LYS A 6 -17.05 -3.66 -27.14
N ALA A 7 -17.22 -2.39 -26.75
CA ALA A 7 -16.72 -1.88 -25.47
C ALA A 7 -17.43 -2.55 -24.29
N GLU A 8 -18.76 -2.71 -24.39
CA GLU A 8 -19.53 -3.42 -23.37
C GLU A 8 -19.15 -4.91 -23.31
N ALA A 9 -18.86 -5.51 -24.46
CA ALA A 9 -18.41 -6.89 -24.53
C ALA A 9 -17.07 -7.11 -23.83
N GLU A 10 -16.12 -6.19 -24.03
CA GLU A 10 -14.83 -6.25 -23.34
C GLU A 10 -14.96 -5.98 -21.83
N LEU A 11 -15.85 -5.05 -21.47
CA LEU A 11 -16.18 -4.80 -20.06
C LEU A 11 -16.80 -6.02 -19.37
N ALA A 12 -17.63 -6.77 -20.11
CA ALA A 12 -18.23 -8.02 -19.59
C ALA A 12 -17.16 -9.05 -19.19
N ILE A 13 -16.09 -9.15 -20.00
CA ILE A 13 -14.96 -10.01 -19.69
C ILE A 13 -14.24 -9.57 -18.40
N ASN A 14 -14.09 -8.26 -18.23
CA ASN A 14 -13.48 -7.71 -17.00
C ASN A 14 -14.34 -8.00 -15.77
N ILE A 15 -15.65 -7.81 -15.89
CA ILE A 15 -16.59 -8.09 -14.81
C ILE A 15 -16.59 -9.59 -14.46
N LYS A 16 -16.59 -10.43 -15.51
CA LYS A 16 -16.55 -11.88 -15.34
C LYS A 16 -15.32 -12.35 -14.56
N LYS A 17 -14.14 -11.92 -15.01
CA LYS A 17 -12.88 -12.31 -14.38
C LYS A 17 -12.71 -11.72 -12.98
N ALA A 18 -13.20 -10.50 -12.77
CA ALA A 18 -13.20 -9.87 -11.44
C ALA A 18 -14.09 -10.58 -10.43
N THR A 19 -15.18 -11.20 -10.91
CA THR A 19 -16.16 -11.90 -10.06
C THR A 19 -16.13 -13.43 -10.24
N SER A 20 -14.95 -13.98 -10.56
CA SER A 20 -14.82 -15.42 -10.78
C SER A 20 -14.98 -16.21 -9.47
N PRO A 21 -15.29 -17.52 -9.56
CA PRO A 21 -15.40 -18.32 -8.31
C PRO A 21 -14.09 -18.62 -7.56
N GLU A 22 -12.94 -18.21 -8.12
CA GLU A 22 -11.65 -18.34 -7.42
C GLU A 22 -11.69 -17.55 -6.12
N GLU A 23 -11.38 -18.21 -5.00
CA GLU A 23 -11.39 -17.54 -3.69
C GLU A 23 -10.12 -16.71 -3.52
N THR A 24 -10.13 -15.55 -4.17
CA THR A 24 -9.02 -14.62 -4.20
C THR A 24 -9.55 -13.20 -4.13
N ALA A 25 -8.65 -12.23 -4.07
CA ALA A 25 -9.01 -10.83 -4.32
C ALA A 25 -9.50 -10.75 -5.76
N PRO A 26 -10.52 -9.90 -6.04
CA PRO A 26 -10.90 -9.68 -7.43
C PRO A 26 -9.67 -9.29 -8.26
N LYS A 27 -9.41 -10.01 -9.35
CA LYS A 27 -8.18 -9.80 -10.13
C LYS A 27 -8.05 -8.31 -10.47
N ARG A 28 -6.97 -7.71 -9.99
CA ARG A 28 -6.89 -6.25 -9.84
C ARG A 28 -6.97 -5.46 -11.15
N LYS A 29 -6.32 -5.95 -12.20
CA LYS A 29 -6.33 -5.28 -13.50
C LYS A 29 -7.73 -5.20 -14.12
N HIS A 30 -8.58 -6.18 -13.83
CA HIS A 30 -9.96 -6.19 -14.32
C HIS A 30 -10.89 -5.26 -13.53
N VAL A 31 -10.66 -5.14 -12.22
CA VAL A 31 -11.36 -4.13 -11.42
C VAL A 31 -10.95 -2.74 -11.91
N ARG A 32 -9.66 -2.56 -12.14
CA ARG A 32 -9.13 -1.32 -12.71
C ARG A 32 -9.75 -1.00 -14.07
N SER A 33 -9.89 -2.02 -14.91
CA SER A 33 -10.56 -1.87 -16.21
C SER A 33 -12.01 -1.39 -16.07
N CYS A 34 -12.72 -1.91 -15.08
CA CYS A 34 -14.08 -1.45 -14.76
C CYS A 34 -14.10 0.02 -14.33
N ILE A 35 -13.15 0.40 -13.48
CA ILE A 35 -13.01 1.79 -13.01
C ILE A 35 -12.69 2.72 -14.19
N VAL A 36 -11.66 2.35 -14.96
CA VAL A 36 -11.22 3.12 -16.15
C VAL A 36 -12.35 3.31 -17.16
N TYR A 37 -13.17 2.28 -17.36
CA TYR A 37 -14.33 2.36 -18.26
C TYR A 37 -15.23 3.56 -17.94
N THR A 38 -15.51 3.78 -16.65
CA THR A 38 -16.40 4.87 -16.23
C THR A 38 -15.82 6.25 -16.58
N TRP A 39 -14.49 6.39 -16.48
CA TRP A 39 -13.81 7.63 -16.88
C TRP A 39 -13.76 7.80 -18.40
N ASP A 40 -13.43 6.73 -19.11
CA ASP A 40 -13.33 6.76 -20.59
C ASP A 40 -14.65 7.13 -21.27
N HIS A 41 -15.77 6.61 -20.76
CA HIS A 41 -17.09 6.86 -21.33
C HIS A 41 -17.94 7.86 -20.53
N LYS A 42 -17.40 8.37 -19.42
CA LYS A 42 -18.08 9.34 -18.54
C LYS A 42 -19.47 8.84 -18.14
N SER A 43 -19.54 7.55 -17.79
CA SER A 43 -20.79 6.87 -17.50
C SER A 43 -20.49 5.47 -16.94
N SER A 44 -21.23 5.09 -15.89
CA SER A 44 -21.12 3.75 -15.31
C SER A 44 -22.22 2.80 -15.77
N LEU A 45 -23.10 3.24 -16.68
CA LEU A 45 -24.29 2.47 -17.06
C LEU A 45 -23.97 1.07 -17.60
N SER A 46 -22.89 0.96 -18.37
CA SER A 46 -22.44 -0.34 -18.89
C SER A 46 -22.00 -1.30 -17.78
N PHE A 47 -21.37 -0.75 -16.74
CA PHE A 47 -20.93 -1.55 -15.59
C PHE A 47 -22.11 -2.17 -14.84
N TRP A 48 -23.11 -1.35 -14.53
CA TRP A 48 -24.32 -1.81 -13.84
C TRP A 48 -25.08 -2.82 -14.68
N ALA A 49 -25.27 -2.51 -15.96
CA ALA A 49 -25.92 -3.42 -16.91
C ALA A 49 -25.14 -4.72 -17.12
N GLY A 50 -23.81 -4.60 -17.21
CA GLY A 50 -22.92 -5.77 -17.35
C GLY A 50 -23.02 -6.75 -16.19
N LEU A 51 -23.14 -6.23 -14.97
CA LEU A 51 -23.36 -7.05 -13.78
C LEU A 51 -24.68 -7.85 -13.78
N LYS A 52 -25.69 -7.36 -14.51
CA LYS A 52 -27.03 -7.98 -14.54
C LYS A 52 -27.09 -9.27 -15.35
N VAL A 53 -26.20 -9.41 -16.34
CA VAL A 53 -26.09 -10.65 -17.13
C VAL A 53 -24.81 -11.44 -16.79
N GLN A 54 -24.32 -11.25 -15.56
CA GLN A 54 -23.23 -12.03 -15.01
C GLN A 54 -23.78 -12.82 -13.83
N PRO A 55 -23.96 -14.15 -13.98
CA PRO A 55 -24.45 -14.97 -12.86
C PRO A 55 -23.46 -15.04 -11.69
N ILE A 56 -23.87 -14.54 -10.53
CA ILE A 56 -23.04 -14.55 -9.31
C ILE A 56 -23.68 -15.19 -8.07
N LEU A 57 -25.00 -15.17 -7.96
CA LEU A 57 -25.70 -15.54 -6.72
C LEU A 57 -25.69 -17.03 -6.36
N ALA A 58 -25.37 -17.90 -7.32
CA ALA A 58 -25.20 -19.33 -7.05
C ALA A 58 -23.93 -19.65 -6.23
N ASP A 59 -22.96 -18.75 -6.24
CA ASP A 59 -21.68 -18.93 -5.55
C ASP A 59 -21.39 -17.73 -4.63
N GLU A 60 -21.23 -18.00 -3.34
CA GLU A 60 -21.02 -16.94 -2.33
C GLU A 60 -19.72 -16.14 -2.53
N VAL A 61 -18.67 -16.79 -3.02
CA VAL A 61 -17.39 -16.13 -3.30
C VAL A 61 -17.54 -15.13 -4.45
N GLN A 62 -18.25 -15.51 -5.51
CA GLN A 62 -18.52 -14.62 -6.64
C GLN A 62 -19.31 -13.38 -6.21
N THR A 63 -20.32 -13.59 -5.36
CA THR A 63 -21.16 -12.51 -4.85
C THR A 63 -20.37 -11.53 -3.97
N PHE A 64 -19.54 -12.06 -3.08
CA PHE A 64 -18.68 -11.22 -2.24
C PHE A 64 -17.65 -10.45 -3.07
N LYS A 65 -17.06 -11.12 -4.06
CA LYS A 65 -16.11 -10.47 -4.98
C LYS A 65 -16.77 -9.39 -5.83
N ALA A 66 -18.02 -9.62 -6.24
CA ALA A 66 -18.82 -8.61 -6.95
C ALA A 66 -19.05 -7.37 -6.09
N LEU A 67 -19.32 -7.58 -4.80
CA LEU A 67 -19.54 -6.46 -3.85
C LEU A 67 -18.26 -5.67 -3.56
N ILE A 68 -17.11 -6.35 -3.54
CA ILE A 68 -15.80 -5.67 -3.47
C ILE A 68 -15.60 -4.81 -4.71
N THR A 69 -15.88 -5.38 -5.89
CA THR A 69 -15.74 -4.68 -7.17
C THR A 69 -16.68 -3.46 -7.25
N ILE A 70 -17.93 -3.64 -6.83
CA ILE A 70 -18.89 -2.52 -6.76
C ILE A 70 -18.36 -1.40 -5.86
N HIS A 71 -17.88 -1.78 -4.68
CA HIS A 71 -17.33 -0.81 -3.71
C HIS A 71 -16.16 -0.01 -4.31
N LYS A 72 -15.24 -0.70 -4.97
CA LYS A 72 -14.09 -0.06 -5.61
C LYS A 72 -14.49 0.87 -6.78
N VAL A 73 -15.48 0.44 -7.57
CA VAL A 73 -16.00 1.27 -8.67
C VAL A 73 -16.74 2.51 -8.15
N LEU A 74 -17.51 2.36 -7.08
CA LEU A 74 -18.15 3.52 -6.43
C LEU A 74 -17.10 4.50 -5.91
N GLN A 75 -16.03 3.99 -5.31
CA GLN A 75 -14.94 4.82 -4.78
C GLN A 75 -14.19 5.60 -5.87
N GLU A 76 -13.71 4.88 -6.89
CA GLU A 76 -12.73 5.40 -7.84
C GLU A 76 -13.25 5.73 -9.24
N GLY A 77 -14.49 5.34 -9.54
CA GLY A 77 -15.08 5.63 -10.85
C GLY A 77 -15.39 7.09 -11.04
N HIS A 78 -15.67 7.47 -12.28
CA HIS A 78 -16.13 8.81 -12.65
C HIS A 78 -17.28 9.26 -11.72
N PRO A 79 -17.29 10.53 -11.25
CA PRO A 79 -18.31 11.00 -10.28
C PRO A 79 -19.77 10.66 -10.59
N VAL A 80 -20.12 10.61 -11.87
CA VAL A 80 -21.45 10.19 -12.33
C VAL A 80 -21.86 8.78 -11.86
N THR A 81 -20.87 7.92 -11.59
CA THR A 81 -21.10 6.58 -11.02
C THR A 81 -21.99 6.58 -9.77
N LEU A 82 -21.76 7.53 -8.87
CA LEU A 82 -22.53 7.62 -7.62
C LEU A 82 -24.00 7.96 -7.89
N ARG A 83 -24.24 8.89 -8.82
CA ARG A 83 -25.60 9.26 -9.22
C ARG A 83 -26.33 8.07 -9.87
N GLU A 84 -25.65 7.41 -10.81
CA GLU A 84 -26.22 6.26 -11.52
C GLU A 84 -26.36 5.01 -10.63
N ALA A 85 -25.56 4.93 -9.56
CA ALA A 85 -25.69 3.86 -8.56
C ALA A 85 -27.01 3.88 -7.79
N MET A 86 -27.63 5.07 -7.65
CA MET A 86 -28.88 5.23 -6.90
C MET A 86 -30.04 4.41 -7.45
N ALA A 87 -30.11 4.29 -8.78
CA ALA A 87 -31.12 3.45 -9.45
C ALA A 87 -30.90 1.94 -9.29
N ASN A 88 -29.72 1.54 -8.80
CA ASN A 88 -29.39 0.13 -8.56
C ASN A 88 -29.43 -0.29 -7.08
N ARG A 89 -30.02 0.54 -6.22
CA ARG A 89 -30.15 0.21 -4.78
C ARG A 89 -30.95 -1.06 -4.55
N GLY A 90 -32.11 -1.16 -5.22
CA GLY A 90 -32.96 -2.34 -5.16
C GLY A 90 -32.24 -3.62 -5.56
N TRP A 91 -31.46 -3.55 -6.63
CA TRP A 91 -30.65 -4.68 -7.09
C TRP A 91 -29.53 -5.05 -6.11
N ILE A 92 -28.82 -4.05 -5.58
CA ILE A 92 -27.77 -4.30 -4.58
C ILE A 92 -28.37 -4.98 -3.34
N ASP A 93 -29.54 -4.50 -2.91
CA ASP A 93 -30.30 -5.13 -1.82
C ASP A 93 -30.66 -6.58 -2.11
N SER A 94 -31.05 -6.87 -3.36
CA SER A 94 -31.41 -8.23 -3.78
C SER A 94 -30.27 -9.25 -3.67
N LEU A 95 -29.02 -8.79 -3.73
CA LEU A 95 -27.85 -9.65 -3.58
C LEU A 95 -27.74 -10.31 -2.19
N SER A 96 -28.29 -9.66 -1.16
CA SER A 96 -28.29 -10.18 0.21
C SER A 96 -29.54 -11.01 0.51
N ARG A 97 -30.71 -10.46 0.21
CA ARG A 97 -32.00 -11.15 0.44
C ARG A 97 -32.24 -12.29 -0.56
N GLY A 98 -33.33 -13.03 -0.37
CA GLY A 98 -33.46 -14.37 -0.95
C GLY A 98 -32.50 -15.23 -0.15
N MET A 99 -32.72 -15.25 1.16
CA MET A 99 -31.68 -15.54 2.14
C MET A 99 -31.06 -16.94 2.03
N MET A 100 -29.73 -16.97 2.14
CA MET A 100 -28.94 -18.19 2.09
C MET A 100 -28.69 -18.73 3.50
N GLY A 101 -28.24 -17.85 4.40
CA GLY A 101 -27.84 -18.21 5.75
C GLY A 101 -26.34 -17.98 5.91
N GLU A 102 -25.64 -18.96 6.46
CA GLU A 102 -24.19 -18.89 6.66
C GLU A 102 -23.44 -19.09 5.34
N GLY A 103 -23.83 -20.12 4.59
CA GLY A 103 -23.09 -20.57 3.41
C GLY A 103 -22.05 -21.61 3.82
N VAL A 104 -21.45 -22.26 2.82
CA VAL A 104 -20.47 -23.33 3.05
C VAL A 104 -19.16 -22.75 3.60
N ARG A 105 -18.64 -21.73 2.92
CA ARG A 105 -17.41 -21.04 3.31
C ARG A 105 -17.62 -19.80 4.18
N GLY A 106 -18.86 -19.56 4.61
CA GLY A 106 -19.15 -18.52 5.61
C GLY A 106 -19.15 -17.08 5.12
N TYR A 107 -19.33 -16.87 3.82
CA TYR A 107 -19.40 -15.51 3.27
C TYR A 107 -20.79 -14.87 3.40
N GLY A 108 -21.80 -15.67 3.72
CA GLY A 108 -23.18 -15.18 3.89
C GLY A 108 -23.35 -13.93 4.74
N PRO A 109 -22.84 -13.96 6.00
CA PRO A 109 -22.85 -12.76 6.86
C PRO A 109 -22.04 -11.58 6.30
N LEU A 110 -20.93 -11.87 5.61
CA LEU A 110 -20.10 -10.83 5.00
C LEU A 110 -20.80 -10.17 3.82
N ILE A 111 -21.50 -10.99 3.01
CA ILE A 111 -22.31 -10.49 1.89
C ILE A 111 -23.43 -9.57 2.38
N ARG A 112 -24.20 -10.03 3.37
CA ARG A 112 -25.30 -9.23 3.93
C ARG A 112 -24.82 -7.91 4.54
N GLU A 113 -23.66 -7.94 5.20
CA GLU A 113 -23.07 -6.73 5.79
C GLU A 113 -22.51 -5.77 4.74
N TYR A 114 -21.97 -6.31 3.63
CA TYR A 114 -21.45 -5.46 2.55
C TYR A 114 -22.59 -4.70 1.87
N VAL A 115 -23.67 -5.43 1.58
CA VAL A 115 -24.90 -4.81 1.03
C VAL A 115 -25.42 -3.72 1.96
N HIS A 116 -25.45 -4.03 3.26
CA HIS A 116 -25.86 -3.06 4.29
C HIS A 116 -24.99 -1.81 4.27
N PHE A 117 -23.68 -2.00 4.25
CA PHE A 117 -22.73 -0.88 4.17
C PHE A 117 -22.87 -0.08 2.87
N LEU A 118 -22.95 -0.78 1.73
CA LEU A 118 -23.04 -0.13 0.42
C LEU A 118 -24.32 0.70 0.26
N LEU A 119 -25.44 0.21 0.78
CA LEU A 119 -26.68 0.97 0.80
C LEU A 119 -26.59 2.21 1.69
N ALA A 120 -25.91 2.06 2.83
CA ALA A 120 -25.64 3.19 3.74
C ALA A 120 -24.71 4.22 3.08
N LYS A 121 -23.71 3.73 2.35
CA LYS A 121 -22.80 4.58 1.60
C LYS A 121 -23.54 5.41 0.54
N LEU A 122 -24.40 4.75 -0.24
CA LEU A 122 -25.19 5.42 -1.27
C LEU A 122 -26.22 6.40 -0.68
N SER A 123 -26.81 6.03 0.47
CA SER A 123 -27.69 6.95 1.22
C SER A 123 -26.96 8.23 1.60
N PHE A 124 -25.72 8.09 2.08
CA PHE A 124 -24.89 9.25 2.43
C PHE A 124 -24.64 10.15 1.22
N HIS A 125 -24.18 9.55 0.12
CA HIS A 125 -23.87 10.30 -1.10
C HIS A 125 -25.08 10.97 -1.74
N LYS A 126 -26.26 10.36 -1.60
CA LYS A 126 -27.51 10.98 -2.07
C LYS A 126 -27.81 12.25 -1.28
N GLN A 127 -27.75 12.14 0.05
CA GLN A 127 -27.96 13.29 0.95
C GLN A 127 -26.83 14.33 0.85
N HIS A 128 -25.60 13.86 0.62
CA HIS A 128 -24.42 14.72 0.58
C HIS A 128 -23.63 14.52 -0.72
N PRO A 129 -24.15 15.02 -1.85
CA PRO A 129 -23.49 14.86 -3.15
C PRO A 129 -22.20 15.70 -3.35
N GLU A 130 -21.88 16.59 -2.41
CA GLU A 130 -20.64 17.38 -2.48
C GLU A 130 -19.32 16.58 -2.32
N PHE A 131 -19.39 15.40 -1.71
CA PHE A 131 -18.23 14.51 -1.55
C PHE A 131 -18.04 13.62 -2.78
N ASN A 132 -16.83 13.09 -2.96
CA ASN A 132 -16.58 12.08 -3.99
C ASN A 132 -16.55 10.67 -3.37
N GLY A 133 -16.51 9.65 -4.22
CA GLY A 133 -16.66 8.25 -3.80
C GLY A 133 -15.64 7.71 -2.80
N THR A 134 -14.41 8.21 -2.86
CA THR A 134 -13.33 7.76 -1.96
C THR A 134 -13.09 8.71 -0.77
N PHE A 135 -13.95 9.71 -0.60
CA PHE A 135 -13.75 10.77 0.38
C PHE A 135 -12.34 11.39 0.30
N GLU A 136 -11.92 11.69 -0.92
CA GLU A 136 -10.70 12.44 -1.18
C GLU A 136 -10.85 13.77 -0.48
N TYR A 137 -9.83 14.17 0.28
CA TYR A 137 -9.94 15.36 1.11
C TYR A 137 -10.05 16.62 0.26
N GLU A 138 -10.97 17.50 0.67
CA GLU A 138 -11.21 18.79 0.04
C GLU A 138 -11.47 19.79 1.14
N GLU A 139 -10.59 20.77 1.28
CA GLU A 139 -10.69 21.82 2.31
C GLU A 139 -11.99 22.63 2.20
N TYR A 140 -12.48 22.80 0.97
CA TYR A 140 -13.75 23.48 0.70
C TYR A 140 -14.95 23.00 1.53
N ILE A 141 -14.98 21.70 1.87
CA ILE A 141 -16.08 21.14 2.67
C ILE A 141 -16.07 21.73 4.10
N SER A 142 -14.88 21.87 4.67
CA SER A 142 -14.73 22.53 5.98
C SER A 142 -15.11 24.02 5.92
N LEU A 143 -14.81 24.68 4.79
CA LEU A 143 -15.24 26.06 4.55
C LEU A 143 -16.76 26.20 4.50
N LYS A 144 -17.46 25.23 3.91
CA LYS A 144 -18.93 25.20 3.92
C LYS A 144 -19.46 25.09 5.35
N ALA A 145 -18.85 24.20 6.14
CA ALA A 145 -19.24 23.97 7.54
C ALA A 145 -19.07 25.21 8.42
N ILE A 146 -18.04 26.01 8.15
CA ILE A 146 -17.84 27.31 8.80
C ILE A 146 -19.04 28.24 8.55
N HIS A 147 -19.45 28.36 7.30
CA HIS A 147 -20.53 29.29 6.92
C HIS A 147 -21.95 28.74 7.08
N ASP A 148 -22.12 27.42 7.15
CA ASP A 148 -23.41 26.79 7.45
C ASP A 148 -23.20 25.70 8.52
N PRO A 149 -23.10 26.10 9.80
CA PRO A 149 -22.86 25.12 10.88
C PRO A 149 -24.00 24.13 11.17
N ASN A 150 -25.25 24.53 10.91
CA ASN A 150 -26.40 23.61 11.03
C ASN A 150 -26.30 22.46 10.04
N GLU A 151 -25.94 22.78 8.80
CA GLU A 151 -25.65 21.76 7.78
C GLU A 151 -24.41 20.94 8.15
N GLY A 152 -23.37 21.63 8.60
CA GLY A 152 -22.12 21.00 9.02
C GLY A 152 -22.28 19.96 10.12
N TYR A 153 -23.11 20.30 11.12
CA TYR A 153 -23.42 19.37 12.22
C TYR A 153 -24.02 18.07 11.69
N GLU A 154 -25.02 18.21 10.82
CA GLU A 154 -25.72 17.07 10.23
C GLU A 154 -24.80 16.22 9.35
N THR A 155 -23.95 16.87 8.57
CA THR A 155 -22.99 16.16 7.70
C THR A 155 -21.95 15.37 8.52
N ILE A 156 -21.43 15.98 9.59
CA ILE A 156 -20.51 15.29 10.50
C ILE A 156 -21.18 14.06 11.13
N THR A 157 -22.42 14.24 11.60
CA THR A 157 -23.21 13.13 12.17
C THR A 157 -23.34 11.97 11.18
N ASP A 158 -23.64 12.30 9.93
CA ASP A 158 -23.80 11.30 8.86
C ASP A 158 -22.46 10.64 8.48
N LEU A 159 -21.38 11.41 8.46
CA LEU A 159 -20.03 10.86 8.29
C LEU A 159 -19.70 9.85 9.38
N MET A 160 -20.01 10.21 10.63
CA MET A 160 -19.79 9.33 11.79
C MET A 160 -20.61 8.04 11.72
N THR A 161 -21.85 8.15 11.24
CA THR A 161 -22.71 6.98 11.04
C THR A 161 -22.08 6.01 10.04
N LEU A 162 -21.58 6.54 8.93
CA LEU A 162 -20.89 5.74 7.92
C LEU A 162 -19.59 5.12 8.47
N GLN A 163 -18.89 5.86 9.32
CA GLN A 163 -17.70 5.34 10.02
C GLN A 163 -18.05 4.15 10.92
N ASP A 164 -19.17 4.24 11.63
CA ASP A 164 -19.66 3.13 12.46
C ASP A 164 -20.00 1.89 11.64
N LYS A 165 -20.57 2.10 10.45
CA LYS A 165 -20.87 0.99 9.52
C LYS A 165 -19.62 0.23 9.09
N ILE A 166 -18.57 0.99 8.79
CA ILE A 166 -17.28 0.41 8.40
C ILE A 166 -16.67 -0.36 9.57
N ASP A 167 -16.73 0.22 10.77
CA ASP A 167 -16.18 -0.41 11.97
C ASP A 167 -16.88 -1.75 12.30
N GLN A 168 -18.20 -1.77 12.19
CA GLN A 168 -18.97 -3.01 12.39
C GLN A 168 -18.61 -4.06 11.34
N PHE A 169 -18.49 -3.63 10.09
CA PHE A 169 -18.22 -4.55 8.98
C PHE A 169 -16.80 -5.13 9.05
N GLN A 170 -15.81 -4.28 9.31
CA GLN A 170 -14.42 -4.77 9.44
C GLN A 170 -14.26 -5.76 10.60
N LYS A 171 -14.93 -5.49 11.73
CA LYS A 171 -14.96 -6.44 12.86
C LYS A 171 -15.54 -7.79 12.46
N LEU A 172 -16.62 -7.77 11.67
CA LEU A 172 -17.24 -8.99 11.15
C LEU A 172 -16.29 -9.75 10.21
N ILE A 173 -15.58 -9.02 9.34
CA ILE A 173 -14.60 -9.61 8.43
C ILE A 173 -13.46 -10.29 9.21
N PHE A 174 -12.91 -9.61 10.22
CA PHE A 174 -11.85 -10.19 11.08
C PHE A 174 -12.31 -11.46 11.82
N SER A 175 -13.56 -11.47 12.30
CA SER A 175 -14.11 -12.65 13.00
C SER A 175 -14.30 -13.87 12.08
N HIS A 176 -14.42 -13.64 10.77
CA HIS A 176 -14.53 -14.71 9.76
C HIS A 176 -13.18 -15.18 9.17
N PHE A 177 -12.05 -14.67 9.68
CA PHE A 177 -10.73 -15.18 9.30
C PHE A 177 -10.61 -16.65 9.68
N ARG A 178 -10.01 -17.44 8.78
CA ARG A 178 -9.79 -18.87 8.99
C ARG A 178 -8.30 -19.17 8.95
N HIS A 179 -7.84 -20.03 9.86
CA HIS A 179 -6.43 -20.41 9.95
C HIS A 179 -5.95 -21.21 8.72
N ILE A 180 -6.87 -21.92 8.08
CA ILE A 180 -6.61 -22.57 6.79
C ILE A 180 -7.02 -21.61 5.67
N GLY A 181 -6.06 -21.28 4.80
CA GLY A 181 -6.27 -20.32 3.71
C GLY A 181 -5.57 -19.00 3.97
N ASN A 182 -5.20 -18.32 2.89
CA ASN A 182 -4.49 -17.03 2.98
C ASN A 182 -5.36 -15.84 3.43
N ASN A 183 -6.70 -16.01 3.43
CA ASN A 183 -7.68 -14.96 3.77
C ASN A 183 -7.66 -13.75 2.82
N GLU A 184 -7.15 -13.95 1.60
CA GLU A 184 -6.93 -12.85 0.66
C GLU A 184 -8.24 -12.21 0.19
N CYS A 185 -9.23 -13.04 -0.11
CA CYS A 185 -10.55 -12.56 -0.55
C CYS A 185 -11.21 -11.68 0.51
N ARG A 186 -11.19 -12.15 1.76
CA ARG A 186 -11.68 -11.36 2.89
C ARG A 186 -10.87 -10.08 3.11
N ILE A 187 -9.54 -10.21 3.09
CA ILE A 187 -8.64 -9.07 3.32
C ILE A 187 -8.74 -8.01 2.19
N SER A 188 -9.01 -8.44 0.96
CA SER A 188 -9.19 -7.50 -0.15
C SER A 188 -10.39 -6.58 0.01
N ALA A 189 -11.37 -6.97 0.84
CA ALA A 189 -12.47 -6.09 1.23
C ALA A 189 -12.07 -5.04 2.27
N LEU A 190 -11.14 -5.40 3.16
CA LEU A 190 -10.60 -4.45 4.15
C LEU A 190 -9.86 -3.25 3.53
N VAL A 191 -9.20 -3.48 2.39
CA VAL A 191 -8.40 -2.43 1.71
C VAL A 191 -9.21 -1.16 1.39
N PRO A 192 -10.33 -1.27 0.63
CA PRO A 192 -11.16 -0.07 0.40
C PRO A 192 -11.83 0.49 1.66
N LEU A 193 -12.10 -0.37 2.66
CA LEU A 193 -12.65 0.08 3.94
C LEU A 193 -11.67 0.93 4.76
N VAL A 194 -10.38 0.59 4.71
CA VAL A 194 -9.33 1.40 5.35
C VAL A 194 -9.22 2.77 4.66
N ALA A 195 -9.20 2.78 3.33
CA ALA A 195 -9.13 4.01 2.55
C ALA A 195 -10.32 4.94 2.83
N GLU A 196 -11.52 4.35 2.84
CA GLU A 196 -12.76 5.10 3.07
C GLU A 196 -12.85 5.64 4.50
N SER A 197 -12.52 4.79 5.47
CA SER A 197 -12.53 5.20 6.88
C SER A 197 -11.60 6.37 7.17
N TYR A 198 -10.42 6.37 6.54
CA TYR A 198 -9.46 7.48 6.75
C TYR A 198 -9.93 8.78 6.10
N GLY A 199 -10.46 8.70 4.88
CA GLY A 199 -11.07 9.85 4.21
C GLY A 199 -12.18 10.47 5.04
N ILE A 200 -13.07 9.62 5.57
CA ILE A 200 -14.13 10.06 6.48
C ILE A 200 -13.54 10.70 7.73
N TYR A 201 -12.54 10.04 8.32
CA TYR A 201 -11.85 10.55 9.52
C TYR A 201 -11.22 11.93 9.31
N LYS A 202 -10.53 12.13 8.18
CA LYS A 202 -9.93 13.43 7.85
C LYS A 202 -10.98 14.53 7.70
N PHE A 203 -12.09 14.20 7.03
CA PHE A 203 -13.22 15.14 6.88
C PHE A 203 -13.84 15.51 8.22
N ILE A 204 -14.12 14.51 9.06
CA ILE A 204 -14.71 14.75 10.38
C ILE A 204 -13.78 15.64 11.22
N THR A 205 -12.49 15.28 11.26
CA THR A 205 -11.48 16.03 12.02
C THR A 205 -11.42 17.51 11.61
N SER A 206 -11.30 17.76 10.30
CA SER A 206 -11.19 19.12 9.78
C SER A 206 -12.48 19.93 9.96
N MET A 207 -13.61 19.33 9.63
CA MET A 207 -14.91 19.99 9.75
C MET A 207 -15.26 20.34 11.20
N LEU A 208 -15.04 19.39 12.11
CA LEU A 208 -15.32 19.61 13.54
C LEU A 208 -14.39 20.66 14.14
N ARG A 209 -13.11 20.62 13.76
CA ARG A 209 -12.12 21.64 14.12
C ARG A 209 -12.54 23.02 13.61
N ALA A 210 -12.89 23.09 12.33
CA ALA A 210 -13.32 24.33 11.69
C ALA A 210 -14.57 24.93 12.35
N MET A 211 -15.54 24.08 12.67
CA MET A 211 -16.79 24.51 13.29
C MET A 211 -16.66 25.07 14.71
N HIS A 212 -15.66 24.59 15.46
CA HIS A 212 -15.40 25.12 16.81
C HIS A 212 -14.90 26.57 16.78
N SER A 213 -14.00 26.86 15.84
CA SER A 213 -13.50 28.23 15.64
C SER A 213 -14.58 29.21 15.15
N SER A 214 -15.41 28.76 14.22
N SER A 214 -15.41 28.76 14.22
CA SER A 214 -16.42 29.61 13.59
CA SER A 214 -16.42 29.61 13.59
C SER A 214 -17.60 29.93 14.53
C SER A 214 -17.60 29.93 14.53
N THR A 215 -18.20 28.89 15.11
CA THR A 215 -19.37 29.03 15.99
C THR A 215 -18.99 29.57 17.37
N GLY A 216 -17.94 28.99 17.95
CA GLY A 216 -17.55 29.28 19.33
C GLY A 216 -18.48 28.67 20.37
N ASP A 217 -19.30 27.71 19.94
CA ASP A 217 -20.33 27.10 20.81
C ASP A 217 -19.87 25.69 21.18
N ASN A 218 -19.09 25.61 22.24
CA ASN A 218 -18.52 24.34 22.69
C ASN A 218 -19.59 23.40 23.26
N GLU A 219 -20.62 23.96 23.91
CA GLU A 219 -21.74 23.19 24.45
C GLU A 219 -22.51 22.43 23.36
N ALA A 220 -22.81 23.13 22.26
CA ALA A 220 -23.60 22.55 21.16
C ALA A 220 -22.86 21.43 20.42
N LEU A 221 -21.55 21.56 20.29
CA LEU A 221 -20.71 20.56 19.59
C LEU A 221 -20.15 19.45 20.50
N GLU A 222 -20.46 19.49 21.79
CA GLU A 222 -19.96 18.50 22.76
C GLU A 222 -20.32 17.04 22.40
N PRO A 223 -21.56 16.79 21.94
CA PRO A 223 -21.89 15.43 21.50
C PRO A 223 -21.04 14.90 20.34
N LEU A 224 -20.66 15.79 19.42
CA LEU A 224 -19.78 15.41 18.31
C LEU A 224 -18.35 15.14 18.78
N ARG A 225 -17.87 15.91 19.76
CA ARG A 225 -16.54 15.64 20.37
C ARG A 225 -16.51 14.29 21.08
N GLN A 226 -17.57 13.99 21.84
CA GLN A 226 -17.71 12.70 22.54
C GLN A 226 -17.67 11.54 21.57
N ARG A 227 -18.41 11.66 20.48
CA ARG A 227 -18.47 10.63 19.44
C ARG A 227 -17.16 10.56 18.64
N TYR A 228 -16.55 11.72 18.37
CA TYR A 228 -15.24 11.78 17.70
C TYR A 228 -14.18 10.98 18.44
N ASP A 229 -14.04 11.25 19.75
CA ASP A 229 -13.08 10.55 20.59
C ASP A 229 -13.28 9.03 20.55
N ALA A 230 -14.52 8.60 20.72
CA ALA A 230 -14.88 7.18 20.69
C ALA A 230 -14.48 6.53 19.35
N GLN A 231 -14.85 7.19 18.25
CA GLN A 231 -14.51 6.70 16.90
C GLN A 231 -13.00 6.70 16.63
N HIS A 232 -12.28 7.66 17.20
CA HIS A 232 -10.82 7.72 17.08
C HIS A 232 -10.15 6.47 17.66
N TYR A 233 -10.52 6.12 18.89
CA TYR A 233 -9.94 4.97 19.57
C TYR A 233 -10.29 3.66 18.87
N ARG A 234 -11.51 3.55 18.35
CA ARG A 234 -11.93 2.41 17.52
C ARG A 234 -11.10 2.30 16.25
N LEU A 235 -10.88 3.44 15.59
CA LEU A 235 -10.12 3.48 14.33
C LEU A 235 -8.64 3.11 14.53
N VAL A 236 -8.07 3.48 15.68
CA VAL A 236 -6.70 3.09 16.03
C VAL A 236 -6.58 1.55 16.14
N LYS A 237 -7.57 0.93 16.79
CA LYS A 237 -7.63 -0.53 16.93
C LYS A 237 -7.82 -1.22 15.57
N PHE A 238 -8.69 -0.66 14.73
CA PHE A 238 -8.93 -1.16 13.37
C PHE A 238 -7.64 -1.14 12.55
N TYR A 239 -6.97 0.02 12.53
CA TYR A 239 -5.71 0.17 11.81
C TYR A 239 -4.57 -0.65 12.40
N TYR A 240 -4.59 -0.87 13.72
CA TYR A 240 -3.62 -1.77 14.37
C TYR A 240 -3.76 -3.22 13.90
N GLU A 241 -4.99 -3.72 13.86
CA GLU A 241 -5.25 -5.10 13.39
C GLU A 241 -4.90 -5.27 11.91
N CYS A 242 -5.11 -4.22 11.10
CA CYS A 242 -4.71 -4.21 9.69
C CYS A 242 -3.18 -4.23 9.47
N SER A 243 -2.43 -3.65 10.40
CA SER A 243 -0.95 -3.55 10.29
C SER A 243 -0.22 -4.88 10.18
N ASN A 244 -0.79 -5.93 10.76
CA ASN A 244 -0.20 -7.28 10.72
C ASN A 244 -0.57 -8.10 9.48
N LEU A 245 -1.42 -7.54 8.60
CA LEU A 245 -1.85 -8.23 7.38
C LEU A 245 -0.96 -7.80 6.20
N ARG A 246 -0.13 -8.72 5.71
CA ARG A 246 0.91 -8.39 4.74
C ARG A 246 0.39 -8.13 3.32
N TYR A 247 -0.71 -8.77 2.94
CA TYR A 247 -1.39 -8.45 1.68
C TYR A 247 -1.94 -7.02 1.69
N LEU A 248 -2.56 -6.63 2.81
CA LEU A 248 -3.15 -5.29 2.95
C LEU A 248 -2.09 -4.19 2.94
N THR A 249 -1.03 -4.36 3.73
CA THR A 249 0.05 -3.36 3.82
C THR A 249 0.86 -3.22 2.53
N SER A 250 0.88 -4.26 1.70
CA SER A 250 1.49 -4.19 0.36
C SER A 250 0.70 -3.33 -0.63
N LEU A 251 -0.62 -3.21 -0.42
CA LEU A 251 -1.52 -2.47 -1.31
C LEU A 251 -1.80 -1.04 -0.85
N ILE A 252 -1.84 -0.81 0.47
CA ILE A 252 -2.14 0.52 1.02
C ILE A 252 -1.28 0.85 2.24
N THR A 253 -1.02 2.14 2.42
CA THR A 253 -0.36 2.65 3.62
C THR A 253 -1.42 2.85 4.69
N ILE A 254 -1.24 2.20 5.83
CA ILE A 254 -2.15 2.36 6.96
C ILE A 254 -1.84 3.69 7.66
N PRO A 255 -2.87 4.52 7.91
CA PRO A 255 -2.61 5.78 8.60
C PRO A 255 -2.14 5.59 10.05
N LYS A 256 -1.29 6.50 10.52
CA LYS A 256 -0.82 6.50 11.90
C LYS A 256 -1.51 7.66 12.63
N LEU A 257 -2.48 7.31 13.47
CA LEU A 257 -3.39 8.28 14.08
C LEU A 257 -2.80 8.83 15.38
N LEU B 2 40.33 -27.48 -5.19
CA LEU B 2 39.24 -26.98 -6.09
C LEU B 2 39.15 -25.46 -6.09
N ASP B 3 38.96 -24.88 -7.27
CA ASP B 3 38.63 -23.45 -7.42
C ASP B 3 37.18 -23.17 -7.01
N HIS B 4 36.33 -24.20 -6.97
CA HIS B 4 34.97 -24.09 -6.43
C HIS B 4 35.00 -23.80 -4.92
N ALA B 5 35.79 -24.57 -4.18
CA ALA B 5 35.97 -24.37 -2.73
C ALA B 5 36.61 -23.02 -2.39
N LYS B 6 37.49 -22.54 -3.28
CA LYS B 6 38.07 -21.19 -3.19
C LYS B 6 36.99 -20.11 -3.25
N ALA B 7 36.05 -20.26 -4.19
CA ALA B 7 34.96 -19.30 -4.37
C ALA B 7 33.98 -19.26 -3.18
N GLU B 8 33.69 -20.43 -2.60
CA GLU B 8 32.85 -20.52 -1.41
C GLU B 8 33.53 -19.95 -0.18
N ALA B 9 34.82 -20.25 -0.02
CA ALA B 9 35.64 -19.70 1.07
C ALA B 9 35.72 -18.17 1.02
N GLU B 10 35.82 -17.62 -0.19
CA GLU B 10 35.93 -16.17 -0.38
C GLU B 10 34.62 -15.43 -0.07
N LEU B 11 33.49 -15.98 -0.51
CA LEU B 11 32.17 -15.41 -0.17
C LEU B 11 31.93 -15.41 1.35
N ALA B 12 32.33 -16.48 2.01
CA ALA B 12 32.25 -16.59 3.48
C ALA B 12 32.98 -15.44 4.17
N ILE B 13 34.18 -15.12 3.67
CA ILE B 13 34.96 -13.99 4.19
C ILE B 13 34.25 -12.66 3.90
N ASN B 14 33.71 -12.51 2.70
CA ASN B 14 32.97 -11.29 2.31
C ASN B 14 31.79 -11.02 3.25
N ILE B 15 30.98 -12.05 3.51
CA ILE B 15 29.79 -11.91 4.37
C ILE B 15 30.20 -11.58 5.80
N LYS B 16 31.22 -12.27 6.31
CA LYS B 16 31.78 -12.03 7.64
C LYS B 16 32.24 -10.58 7.81
N LYS B 17 33.09 -10.11 6.90
CA LYS B 17 33.65 -8.76 6.99
C LYS B 17 32.62 -7.65 6.72
N ALA B 18 31.63 -7.92 5.87
CA ALA B 18 30.53 -6.99 5.63
C ALA B 18 29.65 -6.77 6.87
N THR B 19 29.60 -7.76 7.76
CA THR B 19 28.80 -7.71 8.99
C THR B 19 29.67 -7.77 10.25
N SER B 20 30.77 -7.02 10.25
CA SER B 20 31.69 -6.98 11.40
C SER B 20 31.12 -6.09 12.51
N PRO B 21 31.71 -6.15 13.73
CA PRO B 21 31.28 -5.26 14.82
C PRO B 21 31.57 -3.76 14.63
N GLU B 22 32.45 -3.39 13.68
CA GLU B 22 32.80 -1.99 13.41
C GLU B 22 31.57 -1.11 13.14
N GLU B 23 31.34 -0.11 14.00
CA GLU B 23 30.18 0.77 13.88
C GLU B 23 30.38 1.80 12.77
N THR B 24 30.15 1.34 11.54
CA THR B 24 30.23 2.17 10.34
C THR B 24 29.52 1.44 9.20
N ALA B 25 29.69 1.92 7.96
CA ALA B 25 29.10 1.25 6.79
C ALA B 25 29.69 -0.15 6.64
N PRO B 26 28.85 -1.13 6.20
CA PRO B 26 29.39 -2.41 5.77
C PRO B 26 30.50 -2.20 4.73
N LYS B 27 31.64 -2.86 4.93
CA LYS B 27 32.82 -2.65 4.07
C LYS B 27 32.45 -2.85 2.61
N ARG B 28 32.62 -1.80 1.80
CA ARG B 28 32.06 -1.77 0.44
C ARG B 28 32.60 -2.87 -0.48
N LYS B 29 33.90 -3.16 -0.42
CA LYS B 29 34.51 -4.18 -1.28
C LYS B 29 33.91 -5.58 -1.05
N HIS B 30 33.53 -5.86 0.19
CA HIS B 30 32.94 -7.15 0.55
C HIS B 30 31.45 -7.24 0.20
N VAL B 31 30.72 -6.14 0.37
CA VAL B 31 29.31 -6.07 -0.08
C VAL B 31 29.26 -6.14 -1.61
N ARG B 32 30.17 -5.43 -2.27
CA ARG B 32 30.36 -5.53 -3.72
C ARG B 32 30.60 -6.96 -4.18
N SER B 33 31.47 -7.68 -3.47
CA SER B 33 31.78 -9.07 -3.80
C SER B 33 30.58 -10.01 -3.60
N CYS B 34 29.76 -9.76 -2.57
CA CYS B 34 28.49 -10.49 -2.40
C CYS B 34 27.56 -10.29 -3.59
N ILE B 35 27.44 -9.05 -4.06
CA ILE B 35 26.62 -8.72 -5.23
C ILE B 35 27.16 -9.45 -6.46
N VAL B 36 28.47 -9.34 -6.69
CA VAL B 36 29.13 -9.97 -7.85
C VAL B 36 28.97 -11.49 -7.85
N TYR B 37 29.05 -12.11 -6.67
CA TYR B 37 28.85 -13.57 -6.53
C TYR B 37 27.53 -14.04 -7.17
N THR B 38 26.46 -13.30 -6.97
CA THR B 38 25.15 -13.68 -7.49
C THR B 38 25.12 -13.68 -9.03
N TRP B 39 25.79 -12.69 -9.64
CA TRP B 39 25.93 -12.64 -11.10
C TRP B 39 26.85 -13.72 -11.65
N ASP B 40 28.01 -13.90 -11.02
CA ASP B 40 29.00 -14.89 -11.45
C ASP B 40 28.47 -16.31 -11.49
N HIS B 41 27.70 -16.69 -10.46
CA HIS B 41 27.17 -18.05 -10.33
C HIS B 41 25.67 -18.18 -10.64
N LYS B 42 25.01 -17.07 -10.99
CA LYS B 42 23.56 -17.04 -11.26
C LYS B 42 22.77 -17.72 -10.12
N SER B 43 23.15 -17.35 -8.89
CA SER B 43 22.68 -18.02 -7.69
C SER B 43 23.07 -17.21 -6.45
N SER B 44 22.14 -17.11 -5.50
CA SER B 44 22.39 -16.44 -4.22
C SER B 44 22.33 -17.41 -3.03
N LEU B 45 22.27 -18.72 -3.28
CA LEU B 45 22.06 -19.71 -2.21
C LEU B 45 23.15 -19.71 -1.14
N SER B 46 24.41 -19.58 -1.55
CA SER B 46 25.53 -19.50 -0.61
C SER B 46 25.55 -18.19 0.19
N PHE B 47 24.98 -17.13 -0.36
CA PHE B 47 24.82 -15.85 0.36
C PHE B 47 23.88 -16.00 1.56
N TRP B 48 22.71 -16.60 1.33
CA TRP B 48 21.73 -16.81 2.41
C TRP B 48 22.25 -17.81 3.45
N ALA B 49 22.88 -18.88 2.97
CA ALA B 49 23.52 -19.87 3.85
C ALA B 49 24.65 -19.26 4.69
N GLY B 50 25.46 -18.40 4.05
CA GLY B 50 26.55 -17.71 4.73
C GLY B 50 26.09 -16.79 5.84
N LEU B 51 25.04 -16.02 5.59
CA LEU B 51 24.46 -15.12 6.60
C LEU B 51 23.89 -15.87 7.81
N LYS B 52 23.26 -17.02 7.57
CA LYS B 52 22.65 -17.81 8.64
C LYS B 52 23.65 -18.37 9.66
N VAL B 53 24.88 -18.63 9.23
CA VAL B 53 25.94 -19.17 10.11
C VAL B 53 26.80 -18.09 10.80
N GLN B 54 26.54 -16.81 10.55
CA GLN B 54 27.31 -15.72 11.16
C GLN B 54 26.96 -15.53 12.65
N PRO B 55 27.89 -14.97 13.44
CA PRO B 55 27.55 -14.46 14.78
C PRO B 55 27.04 -13.00 14.76
N ILE B 56 25.96 -12.76 14.02
CA ILE B 56 25.44 -11.40 13.79
C ILE B 56 24.37 -10.94 14.78
N LEU B 57 23.74 -11.89 15.48
CA LEU B 57 22.66 -11.57 16.43
C LEU B 57 23.16 -11.14 17.81
N ALA B 58 24.45 -11.34 18.09
CA ALA B 58 25.07 -10.93 19.34
C ALA B 58 25.27 -9.41 19.45
N ASP B 59 25.43 -8.75 18.31
CA ASP B 59 25.57 -7.30 18.27
C ASP B 59 24.49 -6.75 17.35
N GLU B 60 23.71 -5.78 17.84
N GLU B 60 23.73 -5.78 17.84
CA GLU B 60 22.67 -5.14 17.03
CA GLU B 60 22.69 -5.09 17.08
C GLU B 60 23.25 -4.32 15.85
C GLU B 60 23.25 -4.35 15.87
N VAL B 61 24.50 -3.89 15.98
CA VAL B 61 25.23 -3.27 14.86
C VAL B 61 25.48 -4.30 13.75
N GLN B 62 25.89 -5.52 14.13
CA GLN B 62 26.09 -6.61 13.18
C GLN B 62 24.79 -7.07 12.50
N THR B 63 23.70 -7.08 13.26
CA THR B 63 22.36 -7.37 12.70
C THR B 63 21.91 -6.28 11.74
N PHE B 64 22.15 -5.01 12.11
CA PHE B 64 21.78 -3.87 11.27
C PHE B 64 22.61 -3.85 9.97
N LYS B 65 23.91 -4.10 10.09
CA LYS B 65 24.81 -4.20 8.93
C LYS B 65 24.47 -5.35 7.99
N ALA B 66 23.99 -6.47 8.56
CA ALA B 66 23.50 -7.60 7.76
C ALA B 66 22.27 -7.23 6.92
N LEU B 67 21.33 -6.50 7.53
CA LEU B 67 20.14 -6.01 6.84
C LEU B 67 20.46 -5.01 5.73
N ILE B 68 21.44 -4.14 5.98
CA ILE B 68 21.96 -3.22 4.94
C ILE B 68 22.56 -4.02 3.78
N THR B 69 23.37 -5.02 4.11
CA THR B 69 24.00 -5.89 3.11
C THR B 69 22.97 -6.68 2.31
N ILE B 70 21.98 -7.25 3.00
CA ILE B 70 20.85 -7.94 2.36
C ILE B 70 20.14 -7.01 1.38
N HIS B 71 19.85 -5.78 1.82
CA HIS B 71 19.15 -4.80 0.98
C HIS B 71 19.92 -4.50 -0.31
N LYS B 72 21.22 -4.23 -0.18
CA LYS B 72 22.09 -3.95 -1.34
C LYS B 72 22.18 -5.12 -2.32
N VAL B 73 22.24 -6.34 -1.79
CA VAL B 73 22.30 -7.56 -2.61
C VAL B 73 20.96 -7.79 -3.34
N LEU B 74 19.84 -7.53 -2.67
CA LEU B 74 18.52 -7.57 -3.33
C LEU B 74 18.42 -6.54 -4.46
N GLN B 75 18.96 -5.34 -4.22
CA GLN B 75 18.94 -4.26 -5.22
C GLN B 75 19.79 -4.54 -6.46
N GLU B 76 21.04 -4.95 -6.24
CA GLU B 76 22.05 -5.00 -7.29
C GLU B 76 22.43 -6.40 -7.79
N GLY B 77 22.03 -7.43 -7.05
CA GLY B 77 22.37 -8.81 -7.42
C GLY B 77 21.61 -9.31 -8.63
N HIS B 78 22.01 -10.49 -9.10
CA HIS B 78 21.34 -11.20 -10.19
C HIS B 78 19.84 -11.41 -9.84
N PRO B 79 18.92 -11.29 -10.82
CA PRO B 79 17.47 -11.44 -10.59
C PRO B 79 17.00 -12.62 -9.72
N VAL B 80 17.69 -13.76 -9.83
CA VAL B 80 17.43 -14.96 -9.03
C VAL B 80 17.53 -14.72 -7.51
N THR B 81 18.37 -13.75 -7.12
CA THR B 81 18.47 -13.30 -5.72
C THR B 81 17.10 -12.96 -5.11
N LEU B 82 16.27 -12.25 -5.88
CA LEU B 82 14.91 -11.89 -5.42
C LEU B 82 14.02 -13.12 -5.25
N ARG B 83 14.10 -14.05 -6.20
CA ARG B 83 13.33 -15.30 -6.15
C ARG B 83 13.74 -16.16 -4.96
N GLU B 84 15.04 -16.32 -4.76
CA GLU B 84 15.57 -17.12 -3.65
C GLU B 84 15.40 -16.44 -2.28
N ALA B 85 15.26 -15.10 -2.28
CA ALA B 85 14.91 -14.36 -1.06
C ALA B 85 13.51 -14.70 -0.53
N MET B 86 12.58 -15.06 -1.42
CA MET B 86 11.21 -15.42 -1.05
C MET B 86 11.16 -16.58 -0.05
N ALA B 87 12.02 -17.58 -0.26
CA ALA B 87 12.14 -18.72 0.66
C ALA B 87 12.73 -18.33 2.03
N ASN B 88 13.46 -17.21 2.08
CA ASN B 88 14.08 -16.70 3.31
C ASN B 88 13.29 -15.58 4.03
N ARG B 89 12.02 -15.39 3.69
CA ARG B 89 11.16 -14.41 4.39
C ARG B 89 11.08 -14.67 5.89
N GLY B 90 10.83 -15.94 6.23
CA GLY B 90 10.76 -16.39 7.63
C GLY B 90 12.04 -16.11 8.40
N TRP B 91 13.19 -16.40 7.78
CA TRP B 91 14.49 -16.10 8.39
C TRP B 91 14.74 -14.59 8.52
N ILE B 92 14.39 -13.83 7.48
CA ILE B 92 14.50 -12.37 7.52
C ILE B 92 13.62 -11.79 8.65
N ASP B 93 12.41 -12.32 8.79
CA ASP B 93 11.49 -11.93 9.86
C ASP B 93 12.06 -12.21 11.27
N SER B 94 12.80 -13.31 11.42
CA SER B 94 13.43 -13.66 12.70
C SER B 94 14.51 -12.68 13.17
N LEU B 95 15.07 -11.90 12.25
CA LEU B 95 16.06 -10.86 12.59
C LEU B 95 15.47 -9.66 13.35
N SER B 96 14.15 -9.46 13.27
CA SER B 96 13.47 -8.34 13.93
C SER B 96 13.45 -8.39 15.47
N ARG B 97 13.90 -9.50 16.06
CA ARG B 97 14.17 -9.57 17.49
C ARG B 97 15.33 -8.67 17.92
N GLY B 98 15.40 -8.43 19.24
CA GLY B 98 16.53 -7.72 19.86
C GLY B 98 16.95 -8.42 21.14
N MET B 99 17.41 -9.66 20.99
CA MET B 99 17.87 -10.47 22.12
C MET B 99 19.12 -9.90 22.76
N MET B 100 20.14 -9.68 21.93
CA MET B 100 21.47 -9.28 22.39
C MET B 100 21.93 -8.09 21.55
N GLY B 101 22.66 -7.18 22.20
CA GLY B 101 23.05 -5.91 21.58
C GLY B 101 23.41 -4.83 22.59
N GLU B 102 22.48 -4.38 23.43
CA GLU B 102 21.06 -4.80 23.48
C GLU B 102 20.17 -3.58 23.69
N GLY B 103 20.46 -2.52 22.94
CA GLY B 103 19.88 -1.19 23.18
C GLY B 103 20.81 -0.26 23.95
N VAL B 104 22.12 -0.60 23.97
CA VAL B 104 23.15 0.31 24.51
C VAL B 104 23.35 1.44 23.50
N ARG B 105 23.43 1.06 22.22
CA ARG B 105 23.47 2.02 21.10
C ARG B 105 22.08 2.27 20.48
N GLY B 106 21.12 1.38 20.74
CA GLY B 106 19.70 1.64 20.46
C GLY B 106 19.24 1.41 19.04
N TYR B 107 19.71 0.33 18.43
CA TYR B 107 19.36 -0.03 17.04
C TYR B 107 18.06 -0.87 16.92
N GLY B 108 17.48 -1.29 18.05
CA GLY B 108 16.28 -2.14 18.06
C GLY B 108 15.12 -1.70 17.17
N PRO B 109 14.66 -0.44 17.33
CA PRO B 109 13.62 0.12 16.45
C PRO B 109 14.03 0.20 14.97
N LEU B 110 15.31 0.44 14.69
CA LEU B 110 15.81 0.51 13.31
C LEU B 110 15.86 -0.87 12.66
N ILE B 111 16.21 -1.90 13.44
CA ILE B 111 16.23 -3.30 12.96
C ILE B 111 14.83 -3.78 12.60
N ARG B 112 13.86 -3.53 13.49
CA ARG B 112 12.45 -3.88 13.24
C ARG B 112 11.89 -3.18 12.00
N GLU B 113 12.21 -1.90 11.84
CA GLU B 113 11.74 -1.11 10.70
C GLU B 113 12.35 -1.59 9.38
N TYR B 114 13.63 -1.99 9.40
CA TYR B 114 14.31 -2.51 8.21
C TYR B 114 13.72 -3.85 7.78
N VAL B 115 13.51 -4.74 8.74
CA VAL B 115 12.90 -6.05 8.48
C VAL B 115 11.50 -5.89 7.88
N HIS B 116 10.70 -4.98 8.45
CA HIS B 116 9.38 -4.67 7.90
C HIS B 116 9.46 -4.15 6.45
N PHE B 117 10.43 -3.27 6.20
CA PHE B 117 10.64 -2.74 4.85
C PHE B 117 11.05 -3.82 3.85
N LEU B 118 12.05 -4.64 4.22
CA LEU B 118 12.58 -5.67 3.32
C LEU B 118 11.53 -6.72 2.96
N LEU B 119 10.71 -7.11 3.93
CA LEU B 119 9.57 -8.01 3.67
C LEU B 119 8.53 -7.36 2.75
N ALA B 120 8.31 -6.06 2.92
CA ALA B 120 7.45 -5.28 2.01
C ALA B 120 8.04 -5.20 0.60
N LYS B 121 9.36 -5.03 0.50
CA LYS B 121 10.05 -5.05 -0.78
C LYS B 121 9.89 -6.40 -1.49
N LEU B 122 10.11 -7.48 -0.75
CA LEU B 122 9.96 -8.85 -1.30
C LEU B 122 8.52 -9.16 -1.68
N SER B 123 7.55 -8.66 -0.91
CA SER B 123 6.12 -8.77 -1.25
C SER B 123 5.82 -8.13 -2.61
N PHE B 124 6.41 -6.96 -2.87
CA PHE B 124 6.25 -6.29 -4.16
C PHE B 124 6.83 -7.13 -5.31
N HIS B 125 8.08 -7.56 -5.16
CA HIS B 125 8.75 -8.35 -6.20
C HIS B 125 8.07 -9.70 -6.48
N LYS B 126 7.41 -10.28 -5.48
N LYS B 126 7.41 -10.28 -5.48
CA LYS B 126 6.58 -11.47 -5.65
CA LYS B 126 6.59 -11.48 -5.67
C LYS B 126 5.35 -11.17 -6.51
C LYS B 126 5.35 -11.17 -6.51
N GLN B 127 4.66 -10.08 -6.19
CA GLN B 127 3.51 -9.59 -6.98
C GLN B 127 3.90 -9.18 -8.39
N HIS B 128 5.08 -8.56 -8.53
CA HIS B 128 5.55 -7.99 -9.80
C HIS B 128 6.97 -8.51 -10.12
N PRO B 129 7.06 -9.79 -10.55
CA PRO B 129 8.36 -10.44 -10.79
C PRO B 129 9.20 -9.89 -11.96
N GLU B 130 8.55 -9.19 -12.90
CA GLU B 130 9.25 -8.57 -14.04
C GLU B 130 10.27 -7.47 -13.68
N PHE B 131 10.12 -6.83 -12.53
CA PHE B 131 11.07 -5.80 -12.07
C PHE B 131 12.40 -6.40 -11.60
N ASN B 132 13.49 -5.64 -11.79
CA ASN B 132 14.76 -5.91 -11.11
C ASN B 132 14.81 -5.17 -9.77
N GLY B 133 15.89 -5.33 -9.02
CA GLY B 133 16.00 -4.81 -7.66
C GLY B 133 15.94 -3.31 -7.44
N THR B 134 16.14 -2.51 -8.49
CA THR B 134 15.99 -1.05 -8.42
C THR B 134 14.89 -0.50 -9.36
N PHE B 135 13.97 -1.38 -9.78
CA PHE B 135 12.77 -1.00 -10.55
C PHE B 135 13.07 -0.31 -11.88
N GLU B 136 14.06 -0.81 -12.62
CA GLU B 136 14.53 -0.14 -13.84
C GLU B 136 13.44 -0.13 -14.93
N TYR B 137 13.10 1.07 -15.40
CA TYR B 137 12.02 1.24 -16.39
C TYR B 137 12.36 0.65 -17.75
N GLU B 138 13.57 0.95 -18.25
CA GLU B 138 14.00 0.49 -19.56
C GLU B 138 14.12 -1.04 -19.64
N GLU B 139 14.53 -1.67 -18.55
CA GLU B 139 14.53 -3.14 -18.42
C GLU B 139 13.11 -3.68 -18.31
N TYR B 140 12.26 -2.99 -17.55
CA TYR B 140 10.85 -3.38 -17.37
C TYR B 140 10.07 -3.34 -18.68
N ILE B 141 10.07 -2.20 -19.37
N ILE B 141 10.11 -2.20 -19.36
CA ILE B 141 9.26 -2.03 -20.59
CA ILE B 141 9.33 -1.96 -20.57
C ILE B 141 9.82 -2.74 -21.84
C ILE B 141 9.82 -2.72 -21.81
N SER B 142 11.08 -3.16 -21.80
CA SER B 142 11.67 -3.94 -22.90
C SER B 142 11.19 -5.40 -22.97
N LEU B 143 10.68 -5.93 -21.84
CA LEU B 143 10.25 -7.34 -21.77
C LEU B 143 8.97 -7.66 -22.57
N LYS B 144 8.12 -6.66 -22.82
CA LYS B 144 6.94 -6.82 -23.69
C LYS B 144 6.88 -5.71 -24.74
N ALA B 145 6.15 -5.97 -25.82
CA ALA B 145 5.93 -4.98 -26.87
C ALA B 145 4.87 -3.97 -26.43
N ILE B 146 3.72 -4.48 -25.99
CA ILE B 146 2.59 -3.66 -25.52
C ILE B 146 2.34 -3.96 -24.04
N HIS B 147 2.16 -2.91 -23.24
CA HIS B 147 1.95 -3.02 -21.80
C HIS B 147 0.56 -2.55 -21.37
N ASP B 148 0.00 -3.23 -20.38
CA ASP B 148 -1.35 -2.97 -19.89
C ASP B 148 -1.32 -1.75 -18.95
N PRO B 149 -2.04 -0.66 -19.30
CA PRO B 149 -2.09 0.50 -18.40
C PRO B 149 -2.88 0.27 -17.10
N ASN B 150 -3.77 -0.72 -17.10
CA ASN B 150 -4.53 -1.11 -15.90
C ASN B 150 -3.62 -1.83 -14.89
N GLU B 151 -2.73 -2.68 -15.39
CA GLU B 151 -1.67 -3.27 -14.56
C GLU B 151 -0.70 -2.19 -14.08
N GLY B 152 -0.36 -1.26 -14.99
CA GLY B 152 0.50 -0.12 -14.67
C GLY B 152 -0.03 0.74 -13.53
N TYR B 153 -1.33 1.03 -13.54
CA TYR B 153 -1.98 1.79 -12.46
C TYR B 153 -1.79 1.08 -11.12
N GLU B 154 -2.13 -0.20 -11.08
CA GLU B 154 -2.04 -1.00 -9.84
C GLU B 154 -0.60 -1.16 -9.36
N THR B 155 0.34 -1.30 -10.30
CA THR B 155 1.76 -1.38 -10.00
C THR B 155 2.31 -0.09 -9.38
N ILE B 156 1.88 1.07 -9.90
CA ILE B 156 2.30 2.37 -9.37
C ILE B 156 1.82 2.57 -7.93
N THR B 157 0.56 2.22 -7.65
CA THR B 157 0.03 2.35 -6.28
C THR B 157 0.77 1.44 -5.28
N ASP B 158 1.18 0.26 -5.73
CA ASP B 158 2.04 -0.63 -4.92
C ASP B 158 3.41 0.00 -4.65
N LEU B 159 4.02 0.57 -5.69
CA LEU B 159 5.30 1.28 -5.56
C LEU B 159 5.21 2.51 -4.66
N MET B 160 4.12 3.26 -4.77
CA MET B 160 3.88 4.43 -3.90
C MET B 160 3.73 4.04 -2.42
N THR B 161 3.12 2.88 -2.17
CA THR B 161 3.02 2.33 -0.81
C THR B 161 4.41 1.94 -0.27
N LEU B 162 5.26 1.38 -1.13
CA LEU B 162 6.64 1.07 -0.76
C LEU B 162 7.45 2.36 -0.50
N GLN B 163 7.19 3.39 -1.29
CA GLN B 163 7.80 4.72 -1.10
C GLN B 163 7.46 5.33 0.26
N ASP B 164 6.22 5.13 0.72
CA ASP B 164 5.79 5.59 2.05
C ASP B 164 6.56 4.90 3.20
N LYS B 165 6.83 3.60 3.04
CA LYS B 165 7.61 2.84 4.03
C LYS B 165 9.06 3.33 4.12
N ILE B 166 9.63 3.69 2.98
CA ILE B 166 11.00 4.22 2.92
C ILE B 166 11.08 5.57 3.64
N ASP B 167 10.11 6.43 3.38
CA ASP B 167 10.05 7.75 4.02
C ASP B 167 9.87 7.66 5.54
N GLN B 168 9.04 6.73 5.99
CA GLN B 168 8.87 6.47 7.42
C GLN B 168 10.17 5.96 8.06
N PHE B 169 10.85 5.05 7.37
CA PHE B 169 12.07 4.43 7.87
C PHE B 169 13.24 5.42 7.95
N GLN B 170 13.45 6.20 6.90
CA GLN B 170 14.52 7.21 6.90
C GLN B 170 14.33 8.25 8.01
N LYS B 171 13.08 8.70 8.21
CA LYS B 171 12.76 9.62 9.31
C LYS B 171 13.09 9.04 10.69
N LEU B 172 12.84 7.74 10.87
CA LEU B 172 13.22 7.04 12.10
C LEU B 172 14.74 6.97 12.29
N ILE B 173 15.49 6.79 11.19
CA ILE B 173 16.96 6.79 11.23
C ILE B 173 17.51 8.17 11.63
N PHE B 174 16.98 9.23 11.02
CA PHE B 174 17.36 10.62 11.38
C PHE B 174 17.11 10.96 12.85
N SER B 175 16.02 10.45 13.42
N SER B 175 16.03 10.45 13.43
CA SER B 175 15.69 10.64 14.85
CA SER B 175 15.71 10.67 14.86
C SER B 175 16.72 9.99 15.78
C SER B 175 16.72 9.99 15.79
N HIS B 176 17.29 8.85 15.35
CA HIS B 176 18.31 8.13 16.14
C HIS B 176 19.74 8.71 16.07
N PHE B 177 19.96 9.76 15.28
CA PHE B 177 21.27 10.42 15.23
C PHE B 177 21.65 11.02 16.58
N ARG B 178 22.65 10.44 17.22
CA ARG B 178 23.22 10.95 18.47
C ARG B 178 24.16 12.11 18.14
N HIS B 179 24.16 13.13 18.99
CA HIS B 179 24.68 14.46 18.62
C HIS B 179 26.19 14.55 18.37
N ILE B 180 26.99 14.17 19.36
CA ILE B 180 28.45 14.21 19.25
C ILE B 180 28.98 12.78 19.16
N GLY B 181 29.90 12.54 18.23
CA GLY B 181 30.30 11.20 17.83
C GLY B 181 29.41 10.77 16.67
N ASN B 182 30.00 10.50 15.51
CA ASN B 182 29.24 10.37 14.26
C ASN B 182 28.47 9.04 14.17
N ASN B 183 27.40 9.06 13.37
CA ASN B 183 26.45 7.96 13.26
C ASN B 183 26.61 7.25 11.91
N GLU B 184 27.84 6.80 11.65
CA GLU B 184 28.20 6.26 10.32
C GLU B 184 27.45 4.99 9.93
N CYS B 185 27.23 4.09 10.89
CA CYS B 185 26.44 2.88 10.64
C CYS B 185 24.97 3.20 10.37
N ARG B 186 24.42 4.14 11.13
CA ARG B 186 23.03 4.60 10.94
C ARG B 186 22.87 5.31 9.60
N ILE B 187 23.82 6.19 9.27
CA ILE B 187 23.80 6.93 8.00
C ILE B 187 24.02 6.02 6.79
N SER B 188 24.81 4.94 6.95
CA SER B 188 25.07 4.01 5.84
C SER B 188 23.81 3.28 5.33
N ALA B 189 22.81 3.11 6.20
CA ALA B 189 21.51 2.56 5.80
C ALA B 189 20.72 3.48 4.85
N LEU B 190 20.97 4.79 4.92
CA LEU B 190 20.36 5.75 3.99
C LEU B 190 20.85 5.61 2.55
N VAL B 191 22.03 5.01 2.33
CA VAL B 191 22.57 4.82 0.99
C VAL B 191 21.63 3.97 0.10
N PRO B 192 21.31 2.73 0.52
CA PRO B 192 20.36 1.96 -0.30
C PRO B 192 18.91 2.46 -0.27
N LEU B 193 18.53 3.22 0.76
CA LEU B 193 17.19 3.85 0.80
C LEU B 193 17.05 4.99 -0.21
N VAL B 194 18.12 5.76 -0.41
CA VAL B 194 18.18 6.75 -1.51
C VAL B 194 18.07 6.04 -2.86
N ALA B 195 18.83 4.95 -3.02
CA ALA B 195 18.80 4.15 -4.26
C ALA B 195 17.42 3.53 -4.51
N GLU B 196 16.79 3.03 -3.45
CA GLU B 196 15.45 2.44 -3.52
C GLU B 196 14.42 3.49 -3.92
N SER B 197 14.39 4.59 -3.17
CA SER B 197 13.41 5.65 -3.37
C SER B 197 13.55 6.34 -4.74
N TYR B 198 14.78 6.53 -5.19
CA TYR B 198 15.04 7.11 -6.51
C TYR B 198 14.67 6.15 -7.64
N GLY B 199 14.95 4.86 -7.45
CA GLY B 199 14.51 3.82 -8.37
C GLY B 199 13.00 3.80 -8.56
N ILE B 200 12.26 3.92 -7.45
CA ILE B 200 10.80 4.01 -7.48
C ILE B 200 10.36 5.30 -8.18
N TYR B 201 10.96 6.42 -7.77
CA TYR B 201 10.66 7.73 -8.34
C TYR B 201 10.83 7.76 -9.86
N LYS B 202 11.97 7.29 -10.35
CA LYS B 202 12.26 7.24 -11.78
C LYS B 202 11.25 6.40 -12.57
N PHE B 203 10.89 5.23 -12.03
CA PHE B 203 9.93 4.35 -12.70
C PHE B 203 8.54 4.96 -12.78
N ILE B 204 8.05 5.49 -11.66
CA ILE B 204 6.71 6.09 -11.60
C ILE B 204 6.65 7.29 -12.56
N THR B 205 7.69 8.12 -12.56
CA THR B 205 7.80 9.25 -13.49
C THR B 205 7.65 8.82 -14.95
N SER B 206 8.40 7.79 -15.35
CA SER B 206 8.39 7.28 -16.72
C SER B 206 7.08 6.57 -17.08
N MET B 207 6.58 5.74 -16.17
CA MET B 207 5.35 4.97 -16.40
C MET B 207 4.10 5.86 -16.40
N LEU B 208 4.01 6.75 -15.42
CA LEU B 208 2.88 7.69 -15.32
C LEU B 208 2.81 8.61 -16.54
N ARG B 209 3.97 9.07 -17.02
CA ARG B 209 4.07 9.79 -18.30
C ARG B 209 3.54 8.95 -19.47
N ALA B 210 4.01 7.71 -19.55
CA ALA B 210 3.64 6.79 -20.63
C ALA B 210 2.14 6.46 -20.66
N MET B 211 1.52 6.38 -19.48
CA MET B 211 0.08 6.08 -19.36
C MET B 211 -0.83 7.23 -19.79
N HIS B 212 -0.35 8.46 -19.72
CA HIS B 212 -1.14 9.62 -20.16
C HIS B 212 -1.41 9.58 -21.66
N SER B 213 -2.67 9.64 -22.04
CA SER B 213 -3.07 9.85 -23.44
C SER B 213 -2.64 11.26 -23.83
N SER B 214 -2.09 11.39 -25.04
CA SER B 214 -1.36 12.58 -25.47
C SER B 214 -2.17 13.89 -25.39
N THR B 215 -3.45 13.81 -25.74
CA THR B 215 -4.42 14.90 -25.54
C THR B 215 -5.59 14.41 -24.69
N GLY B 216 -6.43 15.34 -24.25
CA GLY B 216 -7.52 15.06 -23.32
C GLY B 216 -7.10 15.35 -21.89
N ASP B 217 -8.08 15.33 -20.99
CA ASP B 217 -7.86 15.74 -19.59
C ASP B 217 -7.15 14.69 -18.71
N ASN B 218 -7.21 13.41 -19.10
CA ASN B 218 -6.63 12.30 -18.31
C ASN B 218 -7.13 12.31 -16.85
N GLU B 219 -8.45 12.43 -16.70
CA GLU B 219 -9.09 12.53 -15.38
C GLU B 219 -8.83 11.31 -14.49
N ALA B 220 -8.82 10.12 -15.09
CA ALA B 220 -8.61 8.86 -14.35
C ALA B 220 -7.25 8.79 -13.62
N LEU B 221 -6.23 9.46 -14.14
CA LEU B 221 -4.89 9.43 -13.56
C LEU B 221 -4.61 10.52 -12.50
N GLU B 222 -5.59 11.38 -12.20
CA GLU B 222 -5.36 12.49 -11.25
C GLU B 222 -5.01 12.06 -9.82
N PRO B 223 -5.61 10.95 -9.32
CA PRO B 223 -5.18 10.44 -8.01
C PRO B 223 -3.69 10.04 -7.97
N LEU B 224 -3.20 9.42 -9.04
CA LEU B 224 -1.78 9.09 -9.17
C LEU B 224 -0.91 10.34 -9.30
N ARG B 225 -1.36 11.32 -10.09
CA ARG B 225 -0.67 12.62 -10.22
C ARG B 225 -0.55 13.34 -8.88
N GLN B 226 -1.66 13.40 -8.14
CA GLN B 226 -1.68 14.05 -6.81
C GLN B 226 -0.73 13.37 -5.82
N ARG B 227 -0.78 12.04 -5.78
CA ARG B 227 0.10 11.26 -4.90
C ARG B 227 1.56 11.30 -5.35
N TYR B 228 1.78 11.30 -6.67
CA TYR B 228 3.12 11.48 -7.24
C TYR B 228 3.74 12.81 -6.82
N ASP B 229 2.96 13.89 -6.95
CA ASP B 229 3.41 15.23 -6.56
C ASP B 229 3.69 15.33 -5.07
N ALA B 230 2.80 14.76 -4.25
CA ALA B 230 2.98 14.72 -2.80
C ALA B 230 4.27 13.99 -2.42
N GLN B 231 4.50 12.84 -3.04
CA GLN B 231 5.72 12.06 -2.81
C GLN B 231 6.99 12.74 -3.34
N HIS B 232 6.86 13.51 -4.44
CA HIS B 232 7.98 14.29 -4.98
C HIS B 232 8.50 15.32 -3.97
N TYR B 233 7.61 16.18 -3.48
CA TYR B 233 7.96 17.21 -2.49
C TYR B 233 8.49 16.62 -1.18
N ARG B 234 7.93 15.47 -0.78
CA ARG B 234 8.38 14.74 0.40
C ARG B 234 9.78 14.12 0.18
N LEU B 235 10.03 13.63 -1.03
CA LEU B 235 11.33 13.08 -1.41
C LEU B 235 12.40 14.19 -1.54
N VAL B 236 12.00 15.37 -1.99
CA VAL B 236 12.88 16.55 -2.02
C VAL B 236 13.40 16.89 -0.61
N LYS B 237 12.51 16.85 0.38
CA LYS B 237 12.88 17.07 1.79
C LYS B 237 13.88 16.01 2.29
N PHE B 238 13.62 14.74 1.98
CA PHE B 238 14.52 13.63 2.33
C PHE B 238 15.91 13.83 1.73
N TYR B 239 15.95 14.12 0.43
CA TYR B 239 17.21 14.32 -0.29
C TYR B 239 17.95 15.61 0.10
N TYR B 240 17.21 16.63 0.53
CA TYR B 240 17.83 17.85 1.09
C TYR B 240 18.55 17.53 2.40
N GLU B 241 17.88 16.80 3.29
CA GLU B 241 18.48 16.36 4.56
C GLU B 241 19.71 15.46 4.34
N CYS B 242 19.64 14.60 3.33
CA CYS B 242 20.78 13.73 2.95
C CYS B 242 21.98 14.53 2.45
N SER B 243 21.75 15.56 1.65
CA SER B 243 22.82 16.40 1.11
C SER B 243 23.57 17.22 2.17
N ASN B 244 22.96 17.43 3.33
CA ASN B 244 23.60 18.13 4.45
C ASN B 244 24.39 17.22 5.39
N LEU B 245 24.34 15.90 5.18
CA LEU B 245 25.19 14.95 5.90
C LEU B 245 26.50 14.76 5.14
N ARG B 246 27.61 15.17 5.74
CA ARG B 246 28.93 15.10 5.10
C ARG B 246 29.39 13.67 4.84
N TYR B 247 29.11 12.77 5.79
CA TYR B 247 29.45 11.35 5.63
C TYR B 247 28.64 10.66 4.52
N LEU B 248 27.36 11.02 4.40
CA LEU B 248 26.49 10.42 3.36
C LEU B 248 26.89 10.87 1.96
N THR B 249 27.19 12.16 1.81
CA THR B 249 27.62 12.73 0.52
C THR B 249 29.01 12.23 0.07
N SER B 250 29.84 11.79 1.01
CA SER B 250 31.12 11.14 0.68
C SER B 250 30.94 9.76 0.04
N LEU B 251 29.85 9.07 0.40
CA LEU B 251 29.53 7.74 -0.13
C LEU B 251 28.78 7.77 -1.46
N ILE B 252 27.83 8.70 -1.60
CA ILE B 252 26.96 8.76 -2.79
C ILE B 252 26.63 10.18 -3.24
N THR B 253 26.25 10.31 -4.51
CA THR B 253 25.68 11.53 -5.06
C THR B 253 24.19 11.52 -4.76
N ILE B 254 23.70 12.58 -4.11
CA ILE B 254 22.28 12.70 -3.79
C ILE B 254 21.56 13.24 -5.04
N PRO B 255 20.48 12.56 -5.50
CA PRO B 255 19.73 13.05 -6.67
C PRO B 255 19.16 14.47 -6.51
N LYS B 256 19.07 15.21 -7.61
CA LYS B 256 18.63 16.61 -7.58
C LYS B 256 17.12 16.75 -7.44
N LEU B 257 16.38 16.24 -8.43
CA LEU B 257 14.90 16.33 -8.51
C LEU B 257 14.37 17.75 -8.74
#